data_9J9L
#
_entry.id   9J9L
#
_cell.length_a   136.990
_cell.length_b   136.990
_cell.length_c   49.660
_cell.angle_alpha   90.00
_cell.angle_beta   90.00
_cell.angle_gamma   120.00
#
_symmetry.space_group_name_H-M   'P 3 2 1'
#
loop_
_entity.id
_entity.type
_entity.pdbx_description
1 polymer 'Outer membrane porin F'
2 non-polymer 'ZINC ION'
3 non-polymer BICINE
4 water water
#
_entity_poly.entity_id   1
_entity_poly.type   'polypeptide(L)'
_entity_poly.pdbx_seq_one_letter_code
;AEIYNKDGNKVDLYGKAVGLHYFSKGNGENSYGGNGDMTYARLGFKGETQINSDLTGYGQWEYNFQGNNSEGADAQTGNK
THLAFAGLKYADVGSFDYGRNHGVVYDALGYTDMLPEFGGDTAYSDDFFVGDVGGVATYRNSNFFGLVDGLNFAVQYLGK
NERDTARRSNGDGVGGSISYEYEGFGIVGAYGAADRTNLQEAQPLGNGKKAEQWATGLKYDANNIYLAANYGETRNATPI
TNKFTNTSGFANKTQDVLLVAQYQFDFGLRPSIAYTKSKAKDVEGIGDVDLVNYFEVGATYYFNKNMSTYVDYIINQIDS
DNKLGVGSDDTVAVGIVYQF
;
_entity_poly.pdbx_strand_id   A
#
# COMPACT_ATOMS: atom_id res chain seq x y z
N ALA A 1 -0.21 3.14 23.07
CA ALA A 1 -0.46 2.88 24.51
C ALA A 1 0.26 1.62 24.97
N GLU A 2 1.31 1.82 25.74
CA GLU A 2 2.13 0.73 26.22
C GLU A 2 1.41 0.10 27.38
N ILE A 3 1.01 -1.17 27.22
CA ILE A 3 0.28 -1.89 28.25
C ILE A 3 1.21 -2.82 29.00
N TYR A 4 2.50 -2.82 28.65
CA TYR A 4 3.44 -3.75 29.25
C TYR A 4 4.86 -3.27 28.98
N ASN A 5 5.64 -3.13 30.08
CA ASN A 5 7.06 -2.82 30.03
C ASN A 5 7.75 -3.45 31.24
N LYS A 6 8.33 -4.63 31.09
CA LYS A 6 8.96 -5.31 32.20
C LYS A 6 9.92 -6.36 31.65
N ASP A 7 11.14 -6.37 32.23
CA ASP A 7 12.16 -7.35 31.92
C ASP A 7 12.41 -7.38 30.41
N GLY A 8 12.36 -6.21 29.76
CA GLY A 8 12.70 -6.07 28.35
C GLY A 8 11.69 -6.68 27.37
N ASN A 9 10.45 -6.97 27.81
CA ASN A 9 9.32 -7.10 26.88
C ASN A 9 8.44 -5.85 26.97
N LYS A 10 8.19 -5.18 25.83
CA LYS A 10 7.20 -4.12 25.76
C LYS A 10 6.12 -4.47 24.73
N VAL A 11 4.85 -4.27 25.09
CA VAL A 11 3.75 -4.36 24.17
C VAL A 11 3.02 -3.02 24.10
N ASP A 12 2.71 -2.60 22.87
CA ASP A 12 1.85 -1.46 22.64
C ASP A 12 0.52 -1.94 22.08
N LEU A 13 -0.54 -1.41 22.66
CA LEU A 13 -1.85 -1.53 22.03
C LEU A 13 -2.12 -0.21 21.31
N TYR A 14 -2.64 -0.30 20.10
CA TYR A 14 -2.98 0.89 19.34
C TYR A 14 -4.24 0.67 18.52
N GLY A 15 -4.80 1.78 18.04
CA GLY A 15 -6.03 1.76 17.28
C GLY A 15 -6.44 3.16 16.86
N LYS A 16 -7.52 3.21 16.07
CA LYS A 16 -8.06 4.50 15.68
C LYS A 16 -9.49 4.34 15.20
N ALA A 17 -10.20 5.46 15.17
CA ALA A 17 -11.56 5.51 14.71
C ALA A 17 -11.66 6.63 13.69
N VAL A 18 -12.14 6.26 12.48
CA VAL A 18 -12.11 7.13 11.33
C VAL A 18 -13.54 7.34 10.89
N GLY A 19 -14.11 8.49 11.27
CA GLY A 19 -15.33 8.94 10.63
C GLY A 19 -14.99 9.51 9.27
N LEU A 20 -15.64 9.00 8.21
CA LEU A 20 -15.22 9.31 6.86
C LEU A 20 -16.42 9.25 5.91
N HIS A 21 -16.55 10.29 5.07
CA HIS A 21 -17.56 10.32 4.03
C HIS A 21 -16.92 10.65 2.68
N TYR A 22 -17.35 9.91 1.64
CA TYR A 22 -16.96 10.21 0.27
C TYR A 22 -18.15 10.87 -0.45
N PHE A 23 -17.87 11.92 -1.21
CA PHE A 23 -18.85 12.62 -2.02
C PHE A 23 -18.48 12.52 -3.50
N SER A 24 -19.30 11.81 -4.28
CA SER A 24 -19.26 11.85 -5.72
C SER A 24 -20.66 12.17 -6.28
N LYS A 25 -20.80 12.23 -7.61
CA LYS A 25 -22.06 12.54 -8.28
C LYS A 25 -22.93 11.29 -8.36
N GLY A 26 -24.22 11.43 -7.98
CA GLY A 26 -25.13 10.29 -7.82
C GLY A 26 -24.59 9.27 -6.83
N GLY A 28 -22.60 6.88 -6.85
CA GLY A 28 -21.33 7.28 -7.48
C GLY A 28 -20.61 6.09 -8.14
N GLU A 29 -21.33 5.32 -8.96
CA GLU A 29 -20.75 4.13 -9.57
C GLU A 29 -19.76 4.50 -10.69
N ASN A 30 -19.74 5.77 -11.11
CA ASN A 30 -18.82 6.16 -12.17
C ASN A 30 -17.74 7.10 -11.62
N SER A 31 -17.45 6.99 -10.32
CA SER A 31 -16.53 7.92 -9.70
C SER A 31 -15.22 7.20 -9.37
N TYR A 32 -14.23 8.00 -8.93
CA TYR A 32 -12.95 7.48 -8.54
C TYR A 32 -13.07 6.63 -7.29
N GLY A 33 -13.76 7.11 -6.27
CA GLY A 33 -13.67 6.47 -4.96
C GLY A 33 -15.02 6.02 -4.41
N GLY A 34 -16.09 6.27 -5.15
CA GLY A 34 -17.41 5.88 -4.69
C GLY A 34 -18.11 7.07 -4.05
N ASN A 35 -19.16 6.75 -3.29
CA ASN A 35 -20.02 7.76 -2.70
C ASN A 35 -20.66 7.18 -1.44
N GLY A 36 -20.56 7.91 -0.33
CA GLY A 36 -21.25 7.54 0.90
C GLY A 36 -20.30 7.35 2.08
N ASP A 37 -20.86 6.77 3.15
CA ASP A 37 -20.14 6.52 4.38
C ASP A 37 -19.01 5.50 4.23
N MET A 38 -17.83 5.84 4.78
CA MET A 38 -16.64 5.02 4.66
C MET A 38 -15.97 4.82 6.02
N THR A 39 -16.70 5.16 7.10
CA THR A 39 -16.19 5.01 8.47
C THR A 39 -15.55 3.63 8.68
N TYR A 40 -14.49 3.59 9.50
CA TYR A 40 -13.89 2.31 9.85
C TYR A 40 -12.99 2.51 11.07
N ALA A 41 -12.57 1.38 11.65
CA ALA A 41 -11.73 1.43 12.83
C ALA A 41 -10.57 0.45 12.65
N ARG A 42 -9.49 0.69 13.40
CA ARG A 42 -8.35 -0.22 13.44
C ARG A 42 -8.02 -0.54 14.88
N LEU A 43 -7.57 -1.78 15.11
CA LEU A 43 -7.05 -2.21 16.37
C LEU A 43 -5.83 -3.09 16.08
N GLY A 44 -4.82 -3.01 16.92
CA GLY A 44 -3.63 -3.84 16.74
C GLY A 44 -2.73 -3.76 17.96
N PHE A 45 -1.74 -4.66 18.00
CA PHE A 45 -0.67 -4.54 18.96
C PHE A 45 0.69 -4.70 18.27
N LYS A 46 1.74 -4.26 18.98
CA LYS A 46 3.12 -4.41 18.55
C LYS A 46 3.95 -4.75 19.78
N GLY A 47 4.70 -5.85 19.67
CA GLY A 47 5.50 -6.38 20.76
C GLY A 47 6.97 -6.53 20.37
N GLU A 48 7.86 -6.34 21.37
CA GLU A 48 9.30 -6.42 21.16
C GLU A 48 9.90 -6.98 22.45
N THR A 49 10.55 -8.14 22.36
CA THR A 49 11.20 -8.75 23.50
C THR A 49 12.72 -8.80 23.29
N GLN A 50 13.46 -8.40 24.33
CA GLN A 50 14.92 -8.48 24.34
C GLN A 50 15.31 -9.85 24.88
N ILE A 51 15.72 -10.74 23.97
CA ILE A 51 16.01 -12.12 24.33
C ILE A 51 17.40 -12.20 24.97
N ASN A 52 18.41 -11.62 24.29
CA ASN A 52 19.72 -11.35 24.86
C ASN A 52 20.20 -10.03 24.28
N SER A 53 21.48 -9.68 24.53
CA SER A 53 22.01 -8.36 24.21
C SER A 53 22.04 -8.09 22.70
N ASP A 54 22.12 -9.14 21.88
CA ASP A 54 22.22 -8.98 20.43
C ASP A 54 20.94 -9.39 19.70
N LEU A 55 19.99 -10.02 20.40
CA LEU A 55 18.89 -10.69 19.75
C LEU A 55 17.59 -10.21 20.35
N THR A 56 16.74 -9.70 19.46
CA THR A 56 15.44 -9.22 19.87
C THR A 56 14.39 -9.94 19.03
N GLY A 57 13.27 -10.25 19.67
CA GLY A 57 12.14 -10.86 18.98
C GLY A 57 10.97 -9.90 18.97
N TYR A 58 10.12 -10.00 17.95
CA TYR A 58 9.01 -9.06 17.82
C TYR A 58 7.84 -9.73 17.11
N GLY A 59 6.66 -9.12 17.30
CA GLY A 59 5.46 -9.52 16.59
C GLY A 59 4.54 -8.32 16.43
N GLN A 60 3.72 -8.31 15.39
CA GLN A 60 2.69 -7.31 15.21
C GLN A 60 1.43 -7.94 14.62
N TRP A 61 0.28 -7.39 15.03
CA TRP A 61 -1.01 -7.74 14.47
C TRP A 61 -1.84 -6.49 14.38
N GLU A 62 -2.65 -6.40 13.32
CA GLU A 62 -3.56 -5.27 13.16
C GLU A 62 -4.76 -5.67 12.31
N TYR A 63 -5.96 -5.30 12.78
CA TYR A 63 -7.19 -5.66 12.10
C TYR A 63 -7.94 -4.40 11.67
N ASN A 64 -8.64 -4.53 10.54
CA ASN A 64 -9.54 -3.48 10.07
C ASN A 64 -10.99 -3.90 10.28
N PHE A 65 -11.73 -3.16 11.09
CA PHE A 65 -13.18 -3.29 11.18
C PHE A 65 -13.86 -2.16 10.41
N GLN A 66 -14.64 -2.54 9.40
CA GLN A 66 -15.44 -1.56 8.70
C GLN A 66 -16.57 -1.10 9.60
N GLY A 67 -16.82 0.22 9.66
CA GLY A 67 -17.93 0.78 10.41
C GLY A 67 -19.01 1.41 9.52
N ASN A 68 -19.06 1.00 8.25
CA ASN A 68 -20.03 1.55 7.33
C ASN A 68 -20.87 0.42 6.77
N ASN A 69 -20.97 -0.67 7.54
CA ASN A 69 -21.88 -1.76 7.26
C ASN A 69 -23.07 -1.67 8.20
N SER A 70 -24.07 -2.50 7.91
CA SER A 70 -25.19 -2.71 8.78
C SER A 70 -24.90 -3.95 9.62
N GLU A 71 -25.82 -4.26 10.53
CA GLU A 71 -25.75 -5.45 11.36
C GLU A 71 -26.18 -6.73 10.63
N GLY A 72 -26.73 -6.65 9.44
CA GLY A 72 -27.27 -7.84 8.82
C GLY A 72 -26.23 -8.60 8.02
N ALA A 73 -26.62 -9.04 6.83
CA ALA A 73 -25.80 -9.92 6.01
C ALA A 73 -24.49 -9.24 5.55
N ASP A 74 -24.43 -7.91 5.55
CA ASP A 74 -23.22 -7.23 5.07
C ASP A 74 -22.27 -6.80 6.20
N ALA A 75 -22.45 -7.36 7.41
CA ALA A 75 -21.84 -6.83 8.62
C ALA A 75 -20.30 -6.86 8.59
N GLN A 76 -19.69 -7.90 7.99
CA GLN A 76 -18.24 -8.06 8.01
C GLN A 76 -17.58 -7.66 6.69
N THR A 77 -18.34 -7.03 5.80
CA THR A 77 -17.81 -6.61 4.52
C THR A 77 -16.68 -5.61 4.77
N GLY A 78 -15.50 -5.89 4.21
CA GLY A 78 -14.36 -5.02 4.33
C GLY A 78 -13.46 -5.32 5.54
N ASN A 79 -13.97 -6.11 6.49
CA ASN A 79 -13.14 -6.52 7.61
C ASN A 79 -12.05 -7.45 7.12
N LYS A 80 -10.89 -7.40 7.76
CA LYS A 80 -9.73 -8.15 7.32
C LYS A 80 -8.57 -7.94 8.29
N THR A 81 -7.69 -8.92 8.35
CA THR A 81 -6.36 -8.76 8.91
C THR A 81 -5.53 -7.93 7.93
N HIS A 82 -4.93 -6.86 8.45
CA HIS A 82 -4.06 -6.03 7.64
C HIS A 82 -2.63 -6.57 7.74
N LEU A 83 -2.17 -6.74 8.99
CA LEU A 83 -0.84 -7.28 9.28
C LEU A 83 -0.92 -8.38 10.33
N ALA A 84 0.00 -9.35 10.24
CA ALA A 84 0.10 -10.42 11.24
C ALA A 84 1.39 -11.18 11.00
N PHE A 85 2.41 -10.93 11.82
CA PHE A 85 3.72 -11.49 11.58
C PHE A 85 4.54 -11.54 12.87
N ALA A 86 5.55 -12.40 12.85
CA ALA A 86 6.49 -12.44 13.94
C ALA A 86 7.91 -12.60 13.38
N GLY A 87 8.90 -12.11 14.11
CA GLY A 87 10.27 -12.30 13.66
C GLY A 87 11.32 -12.06 14.75
N LEU A 88 12.57 -12.09 14.27
CA LEU A 88 13.76 -11.96 15.08
C LEU A 88 14.69 -11.00 14.37
N LYS A 89 15.31 -10.09 15.15
CA LYS A 89 16.31 -9.16 14.67
C LYS A 89 17.59 -9.41 15.48
N TYR A 90 18.70 -9.62 14.78
CA TYR A 90 19.98 -9.89 15.42
C TYR A 90 20.97 -8.76 15.15
N ALA A 91 21.88 -8.57 16.12
CA ALA A 91 22.61 -7.33 16.36
C ALA A 91 22.86 -6.52 15.11
N ASP A 92 23.82 -6.94 14.27
CA ASP A 92 24.07 -6.28 13.00
C ASP A 92 24.01 -7.30 11.86
N VAL A 93 23.34 -8.43 12.06
CA VAL A 93 23.18 -9.42 10.99
C VAL A 93 21.96 -9.06 10.15
N GLY A 94 20.92 -8.53 10.81
CA GLY A 94 19.65 -8.26 10.15
C GLY A 94 18.45 -8.82 10.93
N SER A 95 17.33 -8.91 10.23
CA SER A 95 16.07 -9.32 10.81
C SER A 95 15.33 -10.20 9.82
N PHE A 96 14.49 -11.07 10.37
CA PHE A 96 13.74 -12.00 9.56
C PHE A 96 12.34 -12.04 10.16
N ASP A 97 11.31 -12.05 9.30
CA ASP A 97 9.98 -12.18 9.81
C ASP A 97 9.13 -12.86 8.75
N TYR A 98 8.00 -13.38 9.20
CA TYR A 98 7.15 -14.16 8.34
C TYR A 98 5.71 -13.94 8.76
N GLY A 99 4.83 -13.89 7.75
CA GLY A 99 3.43 -13.63 8.02
C GLY A 99 2.80 -12.83 6.90
N ARG A 100 1.73 -12.10 7.28
CA ARG A 100 1.08 -11.14 6.41
C ARG A 100 1.75 -9.79 6.62
N ASN A 101 2.45 -9.32 5.56
CA ASN A 101 3.31 -8.17 5.66
C ASN A 101 3.28 -7.45 4.31
N HIS A 102 4.07 -6.37 4.21
CA HIS A 102 4.12 -5.62 2.98
C HIS A 102 5.13 -6.27 2.05
N GLY A 103 4.72 -6.42 0.78
CA GLY A 103 5.62 -6.82 -0.29
C GLY A 103 6.81 -5.86 -0.34
N VAL A 104 7.96 -6.37 -0.80
CA VAL A 104 9.19 -5.59 -0.80
C VAL A 104 9.15 -4.43 -1.80
N VAL A 105 8.29 -4.51 -2.82
CA VAL A 105 8.22 -3.45 -3.80
C VAL A 105 7.51 -2.26 -3.15
N TYR A 106 6.75 -2.53 -2.08
CA TYR A 106 6.16 -1.46 -1.28
C TYR A 106 7.24 -0.66 -0.55
N ASP A 107 8.47 -1.20 -0.42
CA ASP A 107 9.60 -0.41 0.06
C ASP A 107 9.86 0.79 -0.86
N ALA A 108 9.61 0.67 -2.17
CA ALA A 108 9.67 1.81 -3.07
C ALA A 108 8.36 2.58 -3.08
N LEU A 109 7.21 1.89 -3.27
CA LEU A 109 5.90 2.51 -3.44
C LEU A 109 5.44 3.25 -2.17
N GLY A 110 5.97 2.89 -1.00
CA GLY A 110 5.66 3.63 0.22
C GLY A 110 6.03 5.12 0.16
N TYR A 111 7.02 5.47 -0.69
CA TYR A 111 7.47 6.85 -0.81
C TYR A 111 6.32 7.82 -1.09
N THR A 112 5.36 7.44 -1.95
CA THR A 112 4.31 8.36 -2.36
C THR A 112 2.96 8.05 -1.72
N ASP A 113 2.87 6.98 -0.90
CA ASP A 113 1.63 6.58 -0.24
C ASP A 113 1.43 7.44 1.00
N MET A 114 1.19 8.74 0.81
CA MET A 114 1.25 9.74 1.86
C MET A 114 0.05 10.68 1.83
N LEU A 115 -0.97 10.43 1.02
CA LEU A 115 -2.06 11.39 0.91
C LEU A 115 -3.00 11.24 2.10
N PRO A 116 -3.85 12.25 2.41
CA PRO A 116 -4.79 12.13 3.51
C PRO A 116 -5.63 10.86 3.48
N GLU A 117 -6.23 10.57 2.33
CA GLU A 117 -7.18 9.48 2.19
C GLU A 117 -6.84 8.59 1.01
N PHE A 118 -6.54 9.19 -0.14
CA PHE A 118 -6.37 8.44 -1.38
C PHE A 118 -4.88 8.20 -1.63
N GLY A 119 -4.53 7.89 -2.88
CA GLY A 119 -3.15 7.67 -3.28
C GLY A 119 -2.78 6.19 -3.14
N GLY A 120 -1.50 5.93 -3.36
CA GLY A 120 -0.95 4.59 -3.30
C GLY A 120 -1.75 3.62 -4.15
N ASP A 121 -2.24 4.07 -5.31
CA ASP A 121 -3.25 3.35 -6.06
C ASP A 121 -2.68 2.06 -6.65
N THR A 122 -1.34 2.02 -6.87
CA THR A 122 -0.73 0.85 -7.49
C THR A 122 -0.13 -0.12 -6.45
N ALA A 123 -0.31 0.15 -5.16
CA ALA A 123 0.12 -0.75 -4.10
C ALA A 123 -1.06 -1.63 -3.68
N TYR A 124 -1.60 -2.39 -4.63
CA TYR A 124 -2.68 -3.34 -4.43
C TYR A 124 -2.33 -4.37 -3.35
N SER A 125 -3.38 -4.84 -2.65
CA SER A 125 -3.28 -5.94 -1.69
C SER A 125 -3.46 -7.28 -2.41
N ASP A 126 -2.85 -8.31 -1.84
CA ASP A 126 -2.89 -9.64 -2.41
C ASP A 126 -2.50 -9.54 -3.89
N ASP A 127 -1.36 -8.88 -4.14
CA ASP A 127 -0.88 -8.59 -5.48
C ASP A 127 0.66 -8.71 -5.56
N PHE A 128 1.16 -9.83 -5.04
CA PHE A 128 2.55 -10.25 -5.11
C PHE A 128 3.42 -9.45 -4.17
N PHE A 129 3.78 -8.23 -4.54
CA PHE A 129 4.92 -7.59 -3.91
C PHE A 129 4.69 -6.11 -3.71
N VAL A 130 3.50 -5.61 -4.06
CA VAL A 130 3.32 -4.16 -4.12
C VAL A 130 2.57 -3.63 -2.90
N GLY A 131 1.90 -4.51 -2.14
CA GLY A 131 1.11 -4.09 -0.99
C GLY A 131 1.07 -5.15 0.11
N ASP A 132 -0.05 -5.21 0.84
CA ASP A 132 -0.24 -6.25 1.84
C ASP A 132 -0.35 -7.58 1.11
N VAL A 133 0.47 -8.54 1.51
CA VAL A 133 0.31 -9.89 1.02
C VAL A 133 0.47 -10.89 2.18
N GLY A 134 -0.12 -12.06 2.01
CA GLY A 134 0.01 -13.13 2.99
C GLY A 134 1.11 -14.08 2.58
N GLY A 135 1.85 -14.56 3.56
CA GLY A 135 2.83 -15.62 3.38
C GLY A 135 4.16 -15.11 2.80
N VAL A 136 4.68 -13.98 3.31
CA VAL A 136 6.00 -13.52 2.92
C VAL A 136 6.95 -13.68 4.09
N ALA A 137 8.12 -14.25 3.80
CA ALA A 137 9.28 -14.17 4.66
C ALA A 137 10.10 -12.97 4.17
N THR A 138 10.56 -12.13 5.08
CA THR A 138 11.33 -10.98 4.67
C THR A 138 12.60 -10.90 5.50
N TYR A 139 13.74 -10.79 4.80
CA TYR A 139 15.02 -10.51 5.41
C TYR A 139 15.30 -9.02 5.23
N ARG A 140 15.76 -8.36 6.30
CA ARG A 140 16.04 -6.94 6.21
C ARG A 140 17.35 -6.62 6.90
N ASN A 141 18.06 -5.64 6.33
CA ASN A 141 19.34 -5.21 6.84
C ASN A 141 19.37 -3.69 6.81
N SER A 142 19.78 -3.10 7.93
CA SER A 142 19.85 -1.66 8.07
C SER A 142 21.29 -1.22 8.29
N ASN A 143 21.70 -0.16 7.60
CA ASN A 143 23.06 0.37 7.69
C ASN A 143 24.07 -0.67 7.27
N PHE A 144 23.70 -1.52 6.30
CA PHE A 144 24.55 -2.55 5.71
C PHE A 144 25.47 -3.19 6.75
N PHE A 145 24.89 -4.02 7.63
CA PHE A 145 25.60 -4.77 8.65
C PHE A 145 26.29 -3.84 9.65
N GLY A 146 25.81 -2.60 9.76
CA GLY A 146 26.45 -1.59 10.59
C GLY A 146 27.64 -0.90 9.89
N LEU A 147 27.93 -1.28 8.64
CA LEU A 147 29.11 -0.80 7.94
C LEU A 147 28.84 0.49 7.15
N VAL A 148 27.59 0.76 6.75
CA VAL A 148 27.33 1.90 5.87
C VAL A 148 26.02 2.57 6.28
N ASP A 149 26.12 3.71 6.99
CA ASP A 149 24.96 4.39 7.54
C ASP A 149 24.05 4.92 6.42
N GLY A 150 22.76 4.56 6.49
CA GLY A 150 21.77 5.01 5.53
C GLY A 150 21.51 3.99 4.43
N LEU A 151 22.26 2.88 4.41
CA LEU A 151 22.20 1.94 3.29
C LEU A 151 21.51 0.66 3.73
N ASN A 152 20.32 0.44 3.20
CA ASN A 152 19.47 -0.64 3.66
C ASN A 152 19.17 -1.57 2.49
N PHE A 153 18.90 -2.84 2.80
CA PHE A 153 18.47 -3.70 1.72
C PHE A 153 17.59 -4.80 2.31
N ALA A 154 16.83 -5.47 1.43
CA ALA A 154 15.89 -6.49 1.84
C ALA A 154 15.83 -7.55 0.77
N VAL A 155 15.54 -8.78 1.19
CA VAL A 155 15.19 -9.83 0.25
C VAL A 155 14.02 -10.62 0.83
N GLN A 156 13.08 -10.97 -0.04
CA GLN A 156 11.78 -11.47 0.35
C GLN A 156 11.43 -12.71 -0.48
N TYR A 157 10.98 -13.76 0.22
CA TYR A 157 10.48 -14.97 -0.40
C TYR A 157 8.95 -14.96 -0.26
N LEU A 158 8.27 -14.84 -1.40
CA LEU A 158 6.82 -14.87 -1.42
C LEU A 158 6.38 -16.33 -1.60
N GLY A 159 5.69 -16.84 -0.59
CA GLY A 159 5.11 -18.17 -0.67
C GLY A 159 3.82 -18.17 -1.49
N LYS A 160 3.66 -19.22 -2.29
CA LYS A 160 2.50 -19.46 -3.12
C LYS A 160 1.26 -19.50 -2.25
N ASN A 161 0.27 -18.73 -2.67
CA ASN A 161 -1.07 -18.76 -2.11
C ASN A 161 -2.00 -19.13 -3.24
N GLU A 162 -2.53 -20.35 -3.18
CA GLU A 162 -3.51 -20.80 -4.15
C GLU A 162 -4.92 -20.56 -3.61
N ARG A 163 -5.56 -19.47 -4.04
CA ARG A 163 -6.86 -19.12 -3.49
C ARG A 163 -7.96 -19.42 -4.53
N ASP A 164 -9.21 -19.40 -4.08
CA ASP A 164 -10.37 -19.64 -4.93
C ASP A 164 -10.42 -18.67 -6.11
N THR A 165 -10.02 -17.39 -5.93
CA THR A 165 -10.07 -16.43 -7.03
C THR A 165 -8.67 -16.18 -7.56
N ALA A 166 -8.59 -15.72 -8.82
CA ALA A 166 -7.31 -15.45 -9.47
C ALA A 166 -6.74 -14.12 -8.99
N ARG A 167 -7.65 -13.18 -8.66
CA ARG A 167 -7.27 -11.87 -8.20
C ARG A 167 -6.42 -11.93 -6.93
N ARG A 168 -6.62 -12.96 -6.10
CA ARG A 168 -6.00 -12.96 -4.78
C ARG A 168 -4.89 -14.00 -4.64
N SER A 169 -4.58 -14.71 -5.72
CA SER A 169 -3.62 -15.80 -5.69
C SER A 169 -2.23 -15.33 -6.10
N ASN A 170 -1.23 -16.16 -5.82
CA ASN A 170 0.13 -15.94 -6.32
C ASN A 170 0.85 -17.30 -6.30
N GLY A 171 1.97 -17.39 -7.02
CA GLY A 171 2.89 -18.53 -6.94
C GLY A 171 4.13 -18.17 -6.13
N ASP A 172 5.10 -19.09 -6.09
CA ASP A 172 6.37 -18.85 -5.43
C ASP A 172 7.13 -17.72 -6.11
N GLY A 173 7.85 -16.93 -5.30
CA GLY A 173 8.46 -15.72 -5.80
C GLY A 173 9.58 -15.24 -4.89
N VAL A 174 10.46 -14.43 -5.47
CA VAL A 174 11.56 -13.78 -4.78
C VAL A 174 11.51 -12.30 -5.14
N GLY A 175 12.10 -11.48 -4.27
CA GLY A 175 12.21 -10.07 -4.56
C GLY A 175 13.16 -9.41 -3.57
N GLY A 176 13.54 -8.17 -3.87
CA GLY A 176 14.49 -7.45 -3.04
C GLY A 176 14.39 -5.94 -3.27
N SER A 177 15.16 -5.21 -2.46
CA SER A 177 15.10 -3.77 -2.44
C SER A 177 16.38 -3.22 -1.87
N ILE A 178 16.70 -2.00 -2.28
CA ILE A 178 17.86 -1.27 -1.78
C ILE A 178 17.45 0.18 -1.63
N SER A 179 17.82 0.76 -0.49
CA SER A 179 17.59 2.16 -0.25
C SER A 179 18.83 2.78 0.36
N TYR A 180 19.06 4.04 -0.01
CA TYR A 180 20.04 4.89 0.62
C TYR A 180 19.33 6.14 1.11
N GLU A 181 19.77 6.70 2.25
CA GLU A 181 19.14 7.84 2.87
C GLU A 181 20.23 8.75 3.40
N TYR A 182 20.15 10.04 3.06
CA TYR A 182 21.26 10.94 3.23
C TYR A 182 20.76 12.37 3.33
N GLU A 183 21.19 13.07 4.38
CA GLU A 183 20.95 14.50 4.54
C GLU A 183 19.55 14.95 4.13
N GLY A 184 18.51 14.19 4.47
CA GLY A 184 17.15 14.58 4.20
C GLY A 184 16.49 13.75 3.10
N PHE A 185 17.27 13.13 2.21
CA PHE A 185 16.79 12.47 1.02
C PHE A 185 16.86 10.96 1.20
N GLY A 186 16.04 10.26 0.41
CA GLY A 186 16.12 8.82 0.25
C GLY A 186 15.93 8.44 -1.22
N ILE A 187 16.73 7.46 -1.69
CA ILE A 187 16.48 6.83 -2.97
C ILE A 187 16.34 5.33 -2.74
N VAL A 188 15.55 4.69 -3.58
CA VAL A 188 15.16 3.31 -3.35
C VAL A 188 14.94 2.63 -4.69
N GLY A 189 15.25 1.33 -4.75
CA GLY A 189 14.79 0.50 -5.85
C GLY A 189 14.41 -0.87 -5.33
N ALA A 190 13.43 -1.49 -5.97
CA ALA A 190 12.88 -2.74 -5.52
C ALA A 190 12.36 -3.52 -6.72
N TYR A 191 12.44 -4.84 -6.62
CA TYR A 191 12.08 -5.71 -7.73
C TYR A 191 11.59 -7.04 -7.16
N GLY A 192 10.62 -7.63 -7.86
CA GLY A 192 10.19 -8.98 -7.52
C GLY A 192 9.58 -9.70 -8.71
N ALA A 193 9.82 -11.02 -8.77
CA ALA A 193 9.22 -11.87 -9.79
C ALA A 193 8.70 -13.13 -9.13
N ALA A 194 7.63 -13.68 -9.71
CA ALA A 194 6.95 -14.82 -9.15
C ALA A 194 6.13 -15.55 -10.23
N ASP A 195 5.83 -16.83 -9.97
CA ASP A 195 4.97 -17.62 -10.83
C ASP A 195 3.52 -17.14 -10.70
N ARG A 196 2.80 -17.24 -11.82
CA ARG A 196 1.35 -17.09 -11.81
C ARG A 196 0.74 -18.47 -11.59
N THR A 197 -0.41 -18.53 -10.94
CA THR A 197 -1.04 -19.81 -10.72
C THR A 197 -1.79 -20.14 -12.01
N ASN A 198 -2.08 -21.44 -12.18
CA ASN A 198 -2.78 -21.92 -13.36
C ASN A 198 -4.10 -21.18 -13.50
N LEU A 199 -4.72 -20.85 -12.37
CA LEU A 199 -6.02 -20.19 -12.40
C LEU A 199 -5.85 -18.75 -12.90
N GLN A 200 -4.74 -18.11 -12.55
CA GLN A 200 -4.43 -16.78 -13.05
C GLN A 200 -4.19 -16.85 -14.57
N GLU A 201 -3.35 -17.82 -14.99
CA GLU A 201 -3.09 -18.08 -16.40
C GLU A 201 -4.39 -18.21 -17.16
N ALA A 202 -5.34 -18.93 -16.57
CA ALA A 202 -6.59 -19.27 -17.20
C ALA A 202 -7.54 -18.07 -17.29
N GLN A 203 -7.07 -16.86 -16.96
CA GLN A 203 -7.94 -15.70 -17.06
C GLN A 203 -7.85 -15.12 -18.47
N PRO A 204 -8.95 -14.48 -18.95
CA PRO A 204 -8.96 -13.85 -20.26
C PRO A 204 -7.92 -12.73 -20.40
N LEU A 205 -7.93 -11.78 -19.45
CA LEU A 205 -6.93 -10.72 -19.40
C LEU A 205 -5.65 -11.25 -18.79
N GLY A 206 -4.53 -11.00 -19.46
CA GLY A 206 -3.24 -11.42 -18.95
C GLY A 206 -2.79 -12.77 -19.52
N ASN A 207 -1.57 -12.77 -20.04
CA ASN A 207 -0.93 -13.94 -20.60
C ASN A 207 0.55 -13.88 -20.24
N GLY A 208 1.01 -14.95 -19.57
CA GLY A 208 2.38 -15.06 -19.12
C GLY A 208 2.51 -16.07 -17.98
N LYS A 209 3.69 -16.69 -17.89
CA LYS A 209 3.96 -17.74 -16.92
C LYS A 209 4.46 -17.13 -15.61
N LYS A 210 4.93 -15.87 -15.65
CA LYS A 210 5.49 -15.20 -14.49
C LYS A 210 4.90 -13.79 -14.33
N ALA A 211 4.95 -13.28 -13.09
CA ALA A 211 4.53 -11.92 -12.80
C ALA A 211 5.78 -11.13 -12.42
N GLU A 212 5.78 -9.84 -12.71
CA GLU A 212 6.97 -9.06 -12.40
C GLU A 212 6.58 -7.62 -12.10
N GLN A 213 7.25 -7.05 -11.10
CA GLN A 213 6.92 -5.78 -10.50
C GLN A 213 8.24 -5.16 -10.07
N TRP A 214 8.50 -3.92 -10.52
CA TRP A 214 9.62 -3.19 -10.00
C TRP A 214 9.30 -1.71 -9.95
N ALA A 215 10.00 -1.01 -9.06
CA ALA A 215 9.76 0.41 -8.89
C ALA A 215 11.00 1.05 -8.30
N THR A 216 11.11 2.36 -8.52
CA THR A 216 12.19 3.13 -7.95
C THR A 216 11.54 4.38 -7.40
N GLY A 217 12.26 5.10 -6.56
CA GLY A 217 11.65 6.26 -5.95
C GLY A 217 12.69 7.17 -5.33
N LEU A 218 12.32 8.46 -5.26
CA LEU A 218 13.06 9.47 -4.52
C LEU A 218 12.08 10.17 -3.60
N LYS A 219 12.58 10.60 -2.43
CA LYS A 219 11.78 11.41 -1.52
C LYS A 219 12.64 12.42 -0.77
N TYR A 220 12.01 13.49 -0.30
CA TYR A 220 12.66 14.49 0.52
C TYR A 220 11.75 14.73 1.73
N ASP A 221 12.30 14.58 2.94
CA ASP A 221 11.52 14.55 4.18
C ASP A 221 12.25 15.32 5.26
N ALA A 222 12.11 16.64 5.21
CA ALA A 222 12.91 17.51 6.03
C ALA A 222 12.39 18.94 5.88
N ASN A 223 12.63 19.76 6.91
CA ASN A 223 12.23 21.15 6.90
C ASN A 223 10.73 21.31 6.65
N ASN A 224 9.92 20.39 7.20
CA ASN A 224 8.47 20.48 7.15
C ASN A 224 7.96 20.14 5.77
N ILE A 225 8.87 19.73 4.86
CA ILE A 225 8.49 19.43 3.48
C ILE A 225 8.46 17.93 3.28
N TYR A 226 7.51 17.47 2.47
CA TYR A 226 7.55 16.10 1.97
C TYR A 226 7.24 16.12 0.46
N LEU A 227 8.20 15.60 -0.31
CA LEU A 227 8.19 15.53 -1.76
C LEU A 227 8.63 14.13 -2.15
N ALA A 228 7.85 13.42 -2.99
CA ALA A 228 8.33 12.15 -3.50
C ALA A 228 7.85 11.85 -4.92
N ALA A 229 8.64 11.00 -5.58
CA ALA A 229 8.34 10.48 -6.89
C ALA A 229 8.60 8.97 -6.94
N ASN A 230 7.62 8.25 -7.51
CA ASN A 230 7.76 6.84 -7.84
C ASN A 230 7.51 6.64 -9.33
N TYR A 231 8.34 5.75 -9.90
CA TYR A 231 8.13 5.20 -11.22
C TYR A 231 8.10 3.70 -11.08
N GLY A 232 7.15 3.07 -11.77
CA GLY A 232 6.99 1.64 -11.66
C GLY A 232 6.53 1.00 -12.96
N GLU A 233 6.82 -0.31 -13.05
CA GLU A 233 6.53 -1.11 -14.23
C GLU A 233 6.12 -2.50 -13.76
N THR A 234 5.04 -3.03 -14.36
CA THR A 234 4.54 -4.35 -13.99
C THR A 234 4.28 -5.16 -15.26
N ARG A 235 4.51 -6.47 -15.18
CA ARG A 235 4.16 -7.40 -16.25
C ARG A 235 3.30 -8.52 -15.66
N ASN A 236 2.13 -8.71 -16.27
CA ASN A 236 1.19 -9.75 -15.88
C ASN A 236 0.74 -9.65 -14.43
N ALA A 237 0.99 -8.51 -13.75
CA ALA A 237 0.83 -8.47 -12.31
C ALA A 237 -0.31 -7.58 -11.84
N THR A 238 -0.76 -6.60 -12.63
CA THR A 238 -1.66 -5.61 -12.08
C THR A 238 -3.09 -6.06 -12.31
N PRO A 239 -3.95 -6.15 -11.25
CA PRO A 239 -5.32 -6.59 -11.43
C PRO A 239 -6.17 -5.59 -12.19
N ILE A 240 -6.93 -6.08 -13.17
CA ILE A 240 -7.80 -5.25 -13.98
C ILE A 240 -9.14 -5.96 -14.15
N THR A 241 -10.18 -5.17 -14.37
CA THR A 241 -11.49 -5.68 -14.72
C THR A 241 -12.01 -4.89 -15.93
N ASN A 242 -12.65 -5.60 -16.86
CA ASN A 242 -13.36 -4.99 -17.96
C ASN A 242 -14.84 -4.87 -17.62
N LYS A 243 -15.29 -3.69 -17.15
CA LYS A 243 -16.66 -3.49 -16.70
C LYS A 243 -17.67 -3.62 -17.86
N PHE A 244 -17.22 -3.56 -19.12
CA PHE A 244 -18.12 -3.71 -20.26
C PHE A 244 -18.38 -5.19 -20.52
N THR A 245 -17.32 -6.00 -20.60
CA THR A 245 -17.46 -7.41 -20.90
C THR A 245 -17.62 -8.20 -19.60
N ASN A 246 -17.46 -7.55 -18.46
CA ASN A 246 -17.65 -8.21 -17.18
C ASN A 246 -16.58 -9.28 -17.00
N THR A 247 -15.37 -9.06 -17.53
CA THR A 247 -14.26 -9.99 -17.37
C THR A 247 -13.19 -9.37 -16.48
N SER A 248 -12.27 -10.22 -16.02
CA SER A 248 -11.27 -9.83 -15.04
C SER A 248 -9.96 -10.53 -15.39
N GLY A 249 -8.85 -9.94 -14.94
CA GLY A 249 -7.56 -10.59 -15.05
C GLY A 249 -6.46 -9.60 -14.69
N PHE A 250 -5.29 -9.79 -15.30
CA PHE A 250 -4.15 -8.93 -15.04
C PHE A 250 -3.75 -8.21 -16.33
N ALA A 251 -3.19 -7.03 -16.15
CA ALA A 251 -2.62 -6.26 -17.24
C ALA A 251 -1.30 -6.88 -17.68
N ASN A 252 -1.12 -7.03 -19.00
CA ASN A 252 0.10 -7.64 -19.53
C ASN A 252 1.31 -6.77 -19.17
N LYS A 253 1.07 -5.46 -19.14
CA LYS A 253 2.10 -4.50 -18.78
C LYS A 253 1.42 -3.24 -18.27
N THR A 254 2.00 -2.63 -17.22
CA THR A 254 1.58 -1.30 -16.78
C THR A 254 2.82 -0.45 -16.58
N GLN A 255 2.61 0.86 -16.69
CA GLN A 255 3.62 1.86 -16.41
C GLN A 255 3.03 2.83 -15.43
N ASP A 256 3.78 3.14 -14.36
CA ASP A 256 3.20 3.79 -13.20
C ASP A 256 4.03 5.00 -12.81
N VAL A 257 3.32 6.10 -12.53
CA VAL A 257 3.93 7.35 -12.07
C VAL A 257 3.12 7.87 -10.90
N LEU A 258 3.78 8.13 -9.75
CA LEU A 258 3.14 8.81 -8.63
C LEU A 258 4.07 9.93 -8.17
N LEU A 259 3.51 11.13 -8.00
CA LEU A 259 4.26 12.26 -7.44
C LEU A 259 3.42 12.88 -6.34
N VAL A 260 4.11 13.37 -5.30
CA VAL A 260 3.44 13.98 -4.16
C VAL A 260 4.28 15.15 -3.63
N ALA A 261 3.59 16.25 -3.31
CA ALA A 261 4.21 17.38 -2.65
C ALA A 261 3.35 17.81 -1.47
N GLN A 262 3.98 18.00 -0.31
CA GLN A 262 3.28 18.40 0.89
C GLN A 262 4.16 19.31 1.72
N TYR A 263 3.50 20.12 2.53
CA TYR A 263 4.13 21.04 3.47
C TYR A 263 3.37 20.92 4.78
N GLN A 264 4.13 20.89 5.88
CA GLN A 264 3.55 20.77 7.22
C GLN A 264 3.77 22.08 7.98
N PHE A 265 2.71 22.87 8.10
CA PHE A 265 2.77 24.03 8.97
C PHE A 265 2.88 23.59 10.44
N ASP A 266 3.74 24.30 11.18
CA ASP A 266 3.81 24.36 12.64
C ASP A 266 2.45 24.13 13.33
N PHE A 267 1.44 24.97 13.01
CA PHE A 267 0.18 24.95 13.75
C PHE A 267 -0.74 23.84 13.24
N GLY A 268 -0.22 22.87 12.47
CA GLY A 268 -0.90 21.59 12.27
C GLY A 268 -1.54 21.40 10.88
N LEU A 269 -1.70 22.46 10.11
CA LEU A 269 -2.23 22.34 8.75
C LEU A 269 -1.17 21.78 7.78
N ARG A 270 -1.58 20.76 7.01
CA ARG A 270 -0.66 20.05 6.12
C ARG A 270 -1.26 19.92 4.73
N PRO A 271 -1.13 20.95 3.87
CA PRO A 271 -1.65 20.88 2.50
C PRO A 271 -0.88 19.85 1.67
N SER A 272 -1.56 19.37 0.62
CA SER A 272 -1.05 18.31 -0.22
C SER A 272 -1.44 18.53 -1.69
N ILE A 273 -0.52 18.23 -2.61
CA ILE A 273 -0.88 18.03 -4.00
C ILE A 273 -0.21 16.76 -4.49
N ALA A 274 -0.84 16.10 -5.47
CA ALA A 274 -0.26 14.85 -5.98
C ALA A 274 -0.73 14.54 -7.39
N TYR A 275 -0.05 13.55 -8.00
CA TYR A 275 -0.42 13.08 -9.32
C TYR A 275 -0.19 11.56 -9.41
N THR A 276 -1.14 10.87 -10.02
CA THR A 276 -1.02 9.45 -10.26
C THR A 276 -1.50 9.13 -11.68
N LYS A 277 -0.63 8.45 -12.44
CA LYS A 277 -1.01 7.91 -13.71
C LYS A 277 -0.48 6.49 -13.80
N SER A 278 -1.38 5.56 -14.16
CA SER A 278 -1.00 4.20 -14.48
C SER A 278 -1.68 3.80 -15.77
N LYS A 279 -0.87 3.27 -16.70
CA LYS A 279 -1.33 2.95 -18.04
C LYS A 279 -1.19 1.45 -18.22
N ALA A 280 -2.28 0.82 -18.68
CA ALA A 280 -2.22 -0.57 -19.12
C ALA A 280 -1.82 -0.65 -20.59
N LYS A 281 -1.07 -1.71 -20.92
CA LYS A 281 -0.68 -1.99 -22.30
C LYS A 281 -0.89 -3.47 -22.64
N ASP A 282 -1.15 -3.74 -23.92
CA ASP A 282 -1.30 -5.07 -24.51
C ASP A 282 -2.40 -5.85 -23.79
N VAL A 283 -3.51 -5.18 -23.54
CA VAL A 283 -4.63 -5.80 -22.85
C VAL A 283 -5.56 -6.45 -23.87
N GLU A 284 -5.76 -7.76 -23.70
CA GLU A 284 -6.51 -8.60 -24.62
C GLU A 284 -7.87 -7.97 -24.92
N GLY A 285 -8.02 -7.49 -26.15
CA GLY A 285 -9.30 -7.02 -26.65
C GLY A 285 -9.41 -5.49 -26.55
N ILE A 286 -8.38 -4.86 -25.99
CA ILE A 286 -8.44 -3.42 -25.71
C ILE A 286 -7.18 -2.75 -26.25
N GLY A 287 -6.04 -3.46 -26.26
CA GLY A 287 -4.76 -2.79 -26.36
C GLY A 287 -4.47 -1.92 -25.13
N ASP A 288 -4.17 -0.63 -25.35
CA ASP A 288 -3.68 0.26 -24.31
C ASP A 288 -4.84 1.04 -23.69
N VAL A 289 -4.77 1.26 -22.37
CA VAL A 289 -5.85 1.93 -21.63
C VAL A 289 -5.32 2.40 -20.27
N ASP A 290 -5.76 3.59 -19.88
CA ASP A 290 -5.40 4.15 -18.58
C ASP A 290 -6.24 3.51 -17.46
N LEU A 291 -5.55 3.17 -16.37
CA LEU A 291 -6.20 2.61 -15.19
C LEU A 291 -6.45 3.71 -14.17
N VAL A 292 -5.43 4.56 -13.95
CA VAL A 292 -5.52 5.64 -12.98
C VAL A 292 -4.87 6.87 -13.61
N ASN A 293 -5.54 8.02 -13.47
CA ASN A 293 -5.06 9.27 -14.01
C ASN A 293 -5.79 10.41 -13.32
N TYR A 294 -5.14 11.00 -12.31
CA TYR A 294 -5.79 12.09 -11.60
C TYR A 294 -4.75 13.05 -11.01
N PHE A 295 -5.24 14.21 -10.59
CA PHE A 295 -4.53 15.14 -9.74
C PHE A 295 -5.27 15.19 -8.41
N GLU A 296 -4.52 15.40 -7.34
CA GLU A 296 -5.08 15.45 -5.99
C GLU A 296 -4.73 16.79 -5.34
N VAL A 297 -5.70 17.33 -4.60
CA VAL A 297 -5.50 18.52 -3.79
C VAL A 297 -6.20 18.27 -2.48
N GLY A 298 -5.45 18.40 -1.38
CA GLY A 298 -6.03 18.09 -0.09
C GLY A 298 -5.30 18.75 1.04
N ALA A 299 -5.71 18.40 2.27
CA ALA A 299 -5.10 18.93 3.46
C ALA A 299 -5.52 18.11 4.66
N THR A 300 -4.61 18.02 5.62
CA THR A 300 -4.92 17.45 6.93
C THR A 300 -4.63 18.53 7.96
N TYR A 301 -5.54 18.61 8.94
CA TYR A 301 -5.34 19.45 10.11
C TYR A 301 -5.08 18.56 11.31
N TYR A 302 -3.83 18.52 11.78
CA TYR A 302 -3.45 17.83 12.99
C TYR A 302 -3.65 18.78 14.17
N PHE A 303 -4.67 18.51 15.00
CA PHE A 303 -4.78 19.16 16.29
C PHE A 303 -3.66 18.72 17.24
N ASN A 304 -3.21 17.46 17.15
CA ASN A 304 -2.17 16.92 18.01
C ASN A 304 -1.86 15.47 17.58
N LYS A 305 -1.12 14.71 18.42
CA LYS A 305 -0.72 13.35 18.09
C LYS A 305 -1.93 12.44 17.97
N ASN A 306 -3.11 12.87 18.44
CA ASN A 306 -4.24 11.96 18.59
C ASN A 306 -5.44 12.32 17.72
N MET A 307 -5.54 13.55 17.22
CA MET A 307 -6.73 14.00 16.55
C MET A 307 -6.37 14.80 15.29
N SER A 308 -7.14 14.55 14.23
CA SER A 308 -6.91 15.24 12.97
C SER A 308 -8.21 15.28 12.17
N THR A 309 -8.29 16.25 11.25
CA THR A 309 -9.34 16.27 10.26
C THR A 309 -8.69 16.35 8.89
N TYR A 310 -9.43 15.95 7.86
CA TYR A 310 -8.89 16.05 6.53
C TYR A 310 -9.97 16.08 5.46
N VAL A 311 -9.56 16.64 4.33
CA VAL A 311 -10.38 16.72 3.12
C VAL A 311 -9.46 16.41 1.95
N ASP A 312 -9.93 15.54 1.06
CA ASP A 312 -9.07 15.04 0.01
C ASP A 312 -9.83 15.02 -1.32
N TYR A 313 -9.42 15.91 -2.25
CA TYR A 313 -10.11 16.11 -3.53
C TYR A 313 -9.33 15.44 -4.68
N ILE A 314 -10.01 14.54 -5.40
CA ILE A 314 -9.45 13.86 -6.54
C ILE A 314 -10.03 14.47 -7.83
N ILE A 315 -9.26 15.33 -8.51
CA ILE A 315 -9.64 15.80 -9.85
C ILE A 315 -9.33 14.68 -10.86
N ASN A 316 -10.38 14.00 -11.31
CA ASN A 316 -10.25 12.72 -11.99
C ASN A 316 -10.11 12.98 -13.49
N GLN A 317 -8.96 12.56 -14.05
CA GLN A 317 -8.65 12.83 -15.44
C GLN A 317 -8.96 11.63 -16.33
N ILE A 318 -9.36 10.49 -15.75
CA ILE A 318 -9.92 9.38 -16.52
C ILE A 318 -11.07 9.97 -17.31
N ASP A 319 -11.28 9.44 -18.52
CA ASP A 319 -12.28 10.00 -19.41
C ASP A 319 -13.50 9.08 -19.48
N SER A 320 -14.63 9.71 -19.81
CA SER A 320 -15.94 9.08 -19.81
C SER A 320 -16.01 7.88 -20.75
N ASP A 321 -15.12 7.80 -21.73
CA ASP A 321 -15.17 6.74 -22.74
C ASP A 321 -14.06 5.71 -22.54
N ASN A 322 -13.45 5.69 -21.34
CA ASN A 322 -12.42 4.72 -21.00
C ASN A 322 -12.86 3.34 -21.47
N LYS A 323 -11.89 2.56 -21.98
CA LYS A 323 -12.21 1.32 -22.67
C LYS A 323 -12.48 0.18 -21.68
N LEU A 324 -12.08 0.31 -20.41
CA LEU A 324 -12.32 -0.75 -19.43
C LEU A 324 -13.51 -0.43 -18.53
N GLY A 325 -14.04 0.80 -18.60
CA GLY A 325 -15.15 1.17 -17.74
C GLY A 325 -14.68 1.82 -16.44
N VAL A 326 -13.39 2.13 -16.34
CA VAL A 326 -12.87 2.81 -15.17
C VAL A 326 -13.63 4.11 -15.00
N GLY A 327 -14.01 4.42 -13.76
CA GLY A 327 -14.86 5.57 -13.49
C GLY A 327 -14.10 6.87 -13.65
N SER A 328 -14.80 7.91 -14.13
CA SER A 328 -14.18 9.14 -14.60
C SER A 328 -14.59 10.35 -13.76
N ASP A 329 -15.46 10.15 -12.76
CA ASP A 329 -15.94 11.26 -11.95
C ASP A 329 -14.99 11.55 -10.79
N ASP A 330 -15.09 12.78 -10.28
CA ASP A 330 -14.28 13.25 -9.17
C ASP A 330 -14.78 12.63 -7.87
N THR A 331 -13.94 12.65 -6.83
CA THR A 331 -14.37 12.27 -5.50
C THR A 331 -13.75 13.22 -4.48
N VAL A 332 -14.52 13.55 -3.43
CA VAL A 332 -14.02 14.31 -2.31
C VAL A 332 -14.24 13.47 -1.06
N ALA A 333 -13.20 13.32 -0.23
CA ALA A 333 -13.30 12.61 1.04
C ALA A 333 -13.18 13.61 2.19
N VAL A 334 -14.04 13.46 3.20
CA VAL A 334 -13.93 14.22 4.43
C VAL A 334 -13.80 13.25 5.59
N GLY A 335 -12.88 13.54 6.50
CA GLY A 335 -12.50 12.59 7.52
C GLY A 335 -12.20 13.27 8.86
N ILE A 336 -12.52 12.55 9.93
CA ILE A 336 -12.14 12.93 11.28
C ILE A 336 -11.61 11.68 11.96
N VAL A 337 -10.43 11.81 12.57
CA VAL A 337 -9.67 10.67 13.07
C VAL A 337 -9.32 10.88 14.54
N TYR A 338 -9.70 9.91 15.36
CA TYR A 338 -9.16 9.77 16.69
C TYR A 338 -8.27 8.53 16.69
N GLN A 339 -7.04 8.66 17.18
CA GLN A 339 -6.16 7.51 17.26
C GLN A 339 -5.41 7.54 18.58
N PHE A 340 -4.92 6.35 18.99
CA PHE A 340 -4.16 6.29 20.23
C PHE A 340 -2.95 5.36 20.02
#